data_8AFO
#
_entry.id   8AFO
#
_cell.length_a   56.083
_cell.length_b   96.749
_cell.length_c   105.853
_cell.angle_alpha   90.000
_cell.angle_beta   90.000
_cell.angle_gamma   90.000
#
_symmetry.space_group_name_H-M   'C 2 2 21'
#
loop_
_entity.id
_entity.type
_entity.pdbx_description
1 polymer 'Neural cell adhesion molecule L1'
2 branched 2-acetamido-2-deoxy-beta-D-glucopyranose-(1-4)-2-acetamido-2-deoxy-beta-D-glucopyranose
3 non-polymer 2-acetamido-2-deoxy-beta-D-glucopyranose
4 water water
#
_entity_poly.entity_id   1
_entity_poly.type   'polypeptide(L)'
_entity_poly.pdbx_seq_one_letter_code
;GTAAPEKNPVDVKGEGNETTNMVITWKPLRWMDWNAPQVQYRVQWRPQGTRGPWQEQIVSDPFLVVSNTSTFVPYEIKVQ
AVNSQGKGPEPQVTIGYSGEDYPQAIPELEGIEILNSSAVLVKWRPVDLAQVKGHLRGYNVTYWREGSQRKHSKRHIHKD
HVVVPANTTSVILSGLRPYSSYHLEVQAFNGRGSGPASEFTFSTPEGVELHHHHHH
;
_entity_poly.pdbx_strand_id   A
#
loop_
_chem_comp.id
_chem_comp.type
_chem_comp.name
_chem_comp.formula
NAG D-saccharide, beta linking 2-acetamido-2-deoxy-beta-D-glucopyranose 'C8 H15 N O6'
#
# COMPACT_ATOMS: atom_id res chain seq x y z
N GLY A 1 -5.26 -18.15 41.71
CA GLY A 1 -4.21 -17.30 41.18
C GLY A 1 -4.43 -16.87 39.75
N THR A 2 -4.80 -17.82 38.89
CA THR A 2 -5.06 -17.52 37.49
C THR A 2 -6.29 -16.61 37.34
N ALA A 3 -6.23 -15.71 36.36
CA ALA A 3 -7.34 -14.84 36.04
C ALA A 3 -7.41 -14.68 34.52
N ALA A 4 -8.34 -13.85 34.07
CA ALA A 4 -8.42 -13.53 32.65
C ALA A 4 -7.13 -12.87 32.18
N PRO A 5 -6.84 -12.91 30.87
CA PRO A 5 -5.61 -12.29 30.40
C PRO A 5 -5.60 -10.81 30.78
N GLU A 6 -4.40 -10.31 31.04
CA GLU A 6 -4.25 -8.97 31.56
C GLU A 6 -4.53 -7.90 30.49
N LYS A 7 -4.12 -8.17 29.26
CA LYS A 7 -4.12 -7.19 28.19
C LYS A 7 -4.47 -7.93 26.91
N ASN A 8 -4.80 -7.21 25.87
CA ASN A 8 -4.86 -7.80 24.53
C ASN A 8 -3.59 -7.48 23.75
N PRO A 9 -3.36 -8.18 22.65
CA PRO A 9 -2.10 -8.02 21.91
C PRO A 9 -2.01 -6.64 21.30
N VAL A 10 -0.77 -6.20 21.06
CA VAL A 10 -0.50 -4.96 20.35
C VAL A 10 -0.01 -5.28 18.94
N ASP A 11 0.23 -4.24 18.14
CA ASP A 11 0.75 -4.36 16.78
C ASP A 11 -0.14 -5.21 15.87
N VAL A 12 -1.45 -5.16 16.09
CA VAL A 12 -2.38 -5.78 15.15
C VAL A 12 -2.21 -5.15 13.77
N LYS A 13 -2.15 -6.00 12.74
CA LYS A 13 -1.99 -5.55 11.37
C LYS A 13 -2.69 -6.53 10.45
N GLY A 14 -3.35 -6.02 9.43
CA GLY A 14 -3.87 -6.86 8.36
C GLY A 14 -3.35 -6.40 7.00
N GLU A 15 -2.70 -7.31 6.28
CA GLU A 15 -2.03 -7.07 5.00
C GLU A 15 -2.09 -8.32 4.15
N GLY A 16 -2.60 -8.22 2.94
CA GLY A 16 -2.59 -9.37 2.04
C GLY A 16 -1.26 -9.52 1.31
N ASN A 17 -0.92 -10.77 0.96
CA ASN A 17 0.12 -10.98 -0.02
C ASN A 17 -0.45 -11.54 -1.31
N GLU A 18 -1.78 -11.62 -1.39
CA GLU A 18 -2.51 -12.00 -2.59
C GLU A 18 -3.74 -11.11 -2.64
N THR A 19 -4.27 -10.90 -3.84
CA THR A 19 -5.46 -10.06 -3.93
C THR A 19 -6.65 -10.71 -3.24
N THR A 20 -6.59 -12.02 -3.04
CA THR A 20 -7.66 -12.77 -2.45
C THR A 20 -7.44 -13.11 -0.98
N ASN A 21 -6.43 -12.52 -0.32
CA ASN A 21 -6.32 -12.73 1.11
C ASN A 21 -5.91 -11.46 1.83
N MET A 22 -5.98 -11.57 3.16
CA MET A 22 -5.50 -10.60 4.12
C MET A 22 -4.90 -11.39 5.27
N VAL A 23 -3.63 -11.13 5.60
CA VAL A 23 -2.98 -11.83 6.70
C VAL A 23 -3.02 -10.92 7.92
N ILE A 24 -3.68 -11.38 8.98
CA ILE A 24 -3.72 -10.65 10.23
C ILE A 24 -2.59 -11.16 11.11
N THR A 25 -1.80 -10.24 11.65
CA THR A 25 -0.74 -10.60 12.56
C THR A 25 -0.80 -9.67 13.74
N TRP A 26 -0.14 -10.08 14.84
CA TRP A 26 -0.05 -9.27 16.04
C TRP A 26 1.15 -9.77 16.85
N LYS A 27 1.57 -8.94 17.80
CA LYS A 27 2.62 -9.35 18.75
C LYS A 27 2.03 -10.30 19.78
N PRO A 28 2.54 -11.50 19.93
CA PRO A 28 2.03 -12.38 20.99
C PRO A 28 2.13 -11.68 22.34
N LEU A 29 1.15 -11.91 23.22
CA LEU A 29 1.29 -11.40 24.57
C LEU A 29 2.51 -12.00 25.25
N ARG A 30 3.19 -11.16 26.02
CA ARG A 30 4.23 -11.62 26.90
C ARG A 30 3.64 -12.53 27.97
N TRP A 31 4.41 -13.53 28.38
CA TRP A 31 3.83 -14.57 29.22
C TRP A 31 3.29 -14.01 30.53
N MET A 32 3.83 -12.89 31.02
CA MET A 32 3.37 -12.39 32.32
C MET A 32 1.93 -11.91 32.25
N ASP A 33 1.41 -11.67 31.05
CA ASP A 33 0.05 -11.21 30.84
C ASP A 33 -0.95 -12.33 30.58
N TRP A 34 -0.51 -13.57 30.37
CA TRP A 34 -1.45 -14.66 30.13
C TRP A 34 -2.34 -14.92 31.32
N ASN A 35 -1.77 -14.84 32.53
CA ASN A 35 -2.47 -15.19 33.76
C ASN A 35 -2.96 -16.64 33.73
N ALA A 36 -2.22 -17.47 33.01
CA ALA A 36 -2.61 -18.85 32.72
C ALA A 36 -1.46 -19.51 31.99
N PRO A 37 -1.36 -20.84 32.05
CA PRO A 37 -0.29 -21.53 31.32
C PRO A 37 -0.47 -21.55 29.80
N GLN A 38 -1.67 -21.30 29.27
CA GLN A 38 -1.87 -21.16 27.83
C GLN A 38 -2.68 -19.90 27.59
N VAL A 39 -2.53 -19.32 26.40
CA VAL A 39 -3.39 -18.22 25.96
C VAL A 39 -3.77 -18.45 24.50
N GLN A 40 -4.99 -18.03 24.13
CA GLN A 40 -5.38 -18.01 22.72
C GLN A 40 -5.83 -16.61 22.30
N TYR A 41 -6.08 -16.46 21.00
CA TYR A 41 -6.43 -15.17 20.42
C TYR A 41 -7.77 -15.26 19.70
N ARG A 42 -8.74 -14.52 20.19
CA ARG A 42 -10.03 -14.38 19.53
C ARG A 42 -9.94 -13.31 18.45
N VAL A 43 -9.93 -13.71 17.19
CA VAL A 43 -9.78 -12.77 16.07
C VAL A 43 -11.15 -12.56 15.44
N GLN A 44 -11.57 -11.31 15.34
CA GLN A 44 -12.80 -10.92 14.68
C GLN A 44 -12.50 -9.92 13.58
N TRP A 45 -13.17 -10.07 12.44
CA TRP A 45 -12.93 -9.19 11.32
C TRP A 45 -14.20 -9.11 10.49
N ARG A 46 -14.30 -8.03 9.72
CA ARG A 46 -15.40 -7.88 8.78
C ARG A 46 -15.01 -6.81 7.78
N PRO A 47 -15.49 -6.90 6.55
CA PRO A 47 -15.27 -5.79 5.62
C PRO A 47 -15.85 -4.52 6.24
N GLN A 48 -15.07 -3.44 6.16
CA GLN A 48 -15.35 -2.22 6.92
C GLN A 48 -16.78 -1.75 6.75
N GLY A 49 -17.53 -1.79 7.85
CA GLY A 49 -18.81 -1.11 7.94
C GLY A 49 -20.05 -1.92 7.63
N THR A 50 -19.97 -3.25 7.64
CA THR A 50 -21.08 -4.09 7.21
C THR A 50 -21.85 -4.58 8.42
N ARG A 51 -23.17 -4.43 8.38
CA ARG A 51 -24.01 -4.84 9.50
C ARG A 51 -23.94 -6.33 9.75
N GLY A 52 -23.50 -7.12 8.77
CA GLY A 52 -23.30 -8.53 8.96
C GLY A 52 -22.37 -8.76 10.13
N PRO A 53 -22.64 -9.81 10.92
CA PRO A 53 -21.85 -10.02 12.13
C PRO A 53 -20.39 -10.27 11.78
N TRP A 54 -19.57 -10.20 12.80
CA TRP A 54 -18.15 -10.34 12.59
C TRP A 54 -17.85 -11.80 12.27
N GLN A 55 -16.93 -12.01 11.32
CA GLN A 55 -16.30 -13.30 11.20
C GLN A 55 -15.39 -13.49 12.40
N GLU A 56 -15.24 -14.74 12.86
CA GLU A 56 -14.50 -14.90 14.10
C GLU A 56 -13.82 -16.26 14.13
N GLN A 57 -12.56 -16.27 14.56
CA GLN A 57 -11.85 -17.52 14.74
C GLN A 57 -10.88 -17.33 15.90
N ILE A 58 -10.73 -18.39 16.69
CA ILE A 58 -9.82 -18.40 17.84
C ILE A 58 -8.62 -19.23 17.47
N VAL A 59 -7.43 -18.68 17.66
CA VAL A 59 -6.20 -19.36 17.28
C VAL A 59 -5.22 -19.23 18.43
N SER A 60 -4.25 -20.13 18.46
CA SER A 60 -3.14 -19.97 19.40
C SER A 60 -1.91 -19.36 18.74
N ASP A 61 -1.77 -19.47 17.43
CA ASP A 61 -0.70 -18.79 16.72
C ASP A 61 -0.95 -17.28 16.68
N PRO A 62 0.10 -16.49 16.56
CA PRO A 62 -0.10 -15.04 16.51
C PRO A 62 -0.40 -14.52 15.10
N PHE A 63 -1.17 -15.27 14.32
CA PHE A 63 -1.55 -14.80 13.00
C PHE A 63 -2.77 -15.59 12.55
N LEU A 64 -3.43 -15.08 11.52
CA LEU A 64 -4.61 -15.70 10.93
C LEU A 64 -4.72 -15.25 9.48
N VAL A 65 -4.88 -16.20 8.56
CA VAL A 65 -5.01 -15.88 7.15
C VAL A 65 -6.49 -15.83 6.82
N VAL A 66 -6.96 -14.68 6.33
CA VAL A 66 -8.32 -14.52 5.83
C VAL A 66 -8.27 -14.70 4.33
N SER A 67 -9.02 -15.65 3.79
CA SER A 67 -8.97 -15.96 2.37
C SER A 67 -10.25 -15.53 1.66
N ASN A 68 -10.25 -15.68 0.34
CA ASN A 68 -11.41 -15.34 -0.47
C ASN A 68 -11.88 -13.89 -0.25
N THR A 69 -10.94 -12.95 -0.29
CA THR A 69 -11.30 -11.55 -0.21
C THR A 69 -11.39 -10.93 -1.59
N SER A 70 -12.08 -9.79 -1.65
CA SER A 70 -11.95 -8.91 -2.80
C SER A 70 -10.58 -8.27 -2.80
N THR A 71 -10.23 -7.70 -3.95
CA THR A 71 -8.96 -7.01 -4.10
C THR A 71 -8.92 -5.71 -3.31
N PHE A 72 -7.82 -5.49 -2.59
CA PHE A 72 -7.57 -4.31 -1.76
C PHE A 72 -8.83 -3.62 -1.25
N VAL A 73 -9.47 -4.24 -0.26
CA VAL A 73 -10.60 -3.63 0.43
C VAL A 73 -10.28 -3.53 1.93
N PRO A 74 -10.83 -2.54 2.63
CA PRO A 74 -10.54 -2.39 4.05
C PRO A 74 -11.39 -3.32 4.93
N TYR A 75 -10.74 -3.84 5.98
CA TYR A 75 -11.38 -4.69 6.98
C TYR A 75 -11.20 -4.11 8.37
N GLU A 76 -12.22 -4.24 9.20
CA GLU A 76 -12.06 -3.94 10.62
C GLU A 76 -11.63 -5.23 11.32
N ILE A 77 -10.64 -5.11 12.21
CA ILE A 77 -10.02 -6.25 12.88
C ILE A 77 -9.98 -5.95 14.37
N LYS A 78 -10.39 -6.94 15.18
CA LYS A 78 -10.26 -6.90 16.64
C LYS A 78 -9.56 -8.18 17.07
N VAL A 79 -8.56 -8.09 17.95
CA VAL A 79 -7.87 -9.28 18.48
C VAL A 79 -7.95 -9.24 19.99
N GLN A 80 -8.65 -10.19 20.58
CA GLN A 80 -8.78 -10.25 22.03
C GLN A 80 -8.06 -11.50 22.56
N ALA A 81 -7.24 -11.31 23.59
CA ALA A 81 -6.63 -12.46 24.26
C ALA A 81 -7.68 -13.18 25.12
N VAL A 82 -7.61 -14.52 25.15
CA VAL A 82 -8.53 -15.32 25.96
C VAL A 82 -7.77 -16.47 26.62
N ASN A 83 -8.30 -16.95 27.76
CA ASN A 83 -7.75 -18.12 28.43
C ASN A 83 -8.89 -18.80 29.17
N SER A 84 -8.56 -19.86 29.92
CA SER A 84 -9.61 -20.66 30.53
C SER A 84 -10.45 -19.86 31.53
N GLN A 85 -9.87 -18.84 32.14
CA GLN A 85 -10.60 -18.04 33.12
C GLN A 85 -11.41 -16.89 32.52
N GLY A 86 -11.22 -16.58 31.26
CA GLY A 86 -12.02 -15.54 30.66
C GLY A 86 -11.27 -14.85 29.53
N LYS A 87 -11.69 -13.61 29.29
CA LYS A 87 -11.29 -12.84 28.11
C LYS A 87 -10.61 -11.56 28.55
N GLY A 88 -9.67 -11.08 27.75
CA GLY A 88 -9.10 -9.77 27.97
C GLY A 88 -10.14 -8.66 27.85
N PRO A 89 -9.69 -7.41 27.91
CA PRO A 89 -10.61 -6.28 27.71
C PRO A 89 -11.30 -6.35 26.36
N GLU A 90 -12.44 -5.67 26.27
CA GLU A 90 -13.00 -5.39 24.97
C GLU A 90 -11.91 -4.74 24.11
N PRO A 91 -11.65 -5.26 22.90
CA PRO A 91 -10.46 -4.86 22.16
C PRO A 91 -10.70 -3.61 21.32
N GLN A 92 -9.62 -2.90 21.04
CA GLN A 92 -9.64 -1.81 20.08
C GLN A 92 -9.67 -2.35 18.66
N VAL A 93 -10.03 -1.49 17.71
CA VAL A 93 -10.22 -1.88 16.32
C VAL A 93 -9.10 -1.31 15.46
N THR A 94 -8.60 -2.13 14.54
CA THR A 94 -7.58 -1.77 13.56
C THR A 94 -8.13 -1.96 12.16
N ILE A 95 -7.73 -1.09 11.24
CA ILE A 95 -8.07 -1.29 9.83
C ILE A 95 -6.92 -2.04 9.17
N GLY A 96 -7.25 -3.13 8.47
CA GLY A 96 -6.31 -3.84 7.64
C GLY A 96 -6.88 -3.94 6.22
N TYR A 97 -6.07 -4.50 5.32
CA TYR A 97 -6.42 -4.48 3.91
C TYR A 97 -6.10 -5.81 3.27
N SER A 98 -6.96 -6.30 2.39
CA SER A 98 -6.58 -7.42 1.54
C SER A 98 -5.45 -6.98 0.59
N GLY A 99 -4.95 -7.92 -0.21
CA GLY A 99 -3.73 -7.67 -0.96
C GLY A 99 -3.94 -6.70 -2.10
N GLU A 100 -2.85 -6.04 -2.48
CA GLU A 100 -2.81 -5.03 -3.53
C GLU A 100 -2.77 -5.68 -4.91
N ASP A 101 -3.32 -4.99 -5.89
CA ASP A 101 -3.19 -5.39 -7.29
C ASP A 101 -2.37 -4.32 -8.01
N TYR A 102 -2.04 -4.56 -9.27
CA TYR A 102 -1.42 -3.49 -10.04
C TYR A 102 -2.38 -2.33 -10.17
N PRO A 103 -1.89 -1.09 -10.10
CA PRO A 103 -2.77 0.07 -10.31
C PRO A 103 -3.43 0.04 -11.68
N GLN A 104 -4.66 0.52 -11.73
CA GLN A 104 -5.31 0.83 -13.00
C GLN A 104 -5.12 2.28 -13.38
N ALA A 105 -4.71 3.11 -12.43
CA ALA A 105 -4.58 4.54 -12.65
C ALA A 105 -3.47 4.84 -13.65
N ILE A 106 -3.78 5.76 -14.57
CA ILE A 106 -2.80 6.23 -15.54
C ILE A 106 -2.64 7.74 -15.34
N PRO A 107 -1.46 8.23 -14.95
CA PRO A 107 -1.30 9.67 -14.69
C PRO A 107 -1.59 10.54 -15.91
N GLU A 108 -2.27 11.66 -15.67
CA GLU A 108 -2.61 12.62 -16.71
C GLU A 108 -1.62 13.77 -16.68
N LEU A 109 -1.24 14.23 -17.86
CA LEU A 109 -0.30 15.32 -18.02
C LEU A 109 -0.93 16.62 -17.53
N GLU A 110 -0.22 17.34 -16.65
CA GLU A 110 -0.52 18.75 -16.43
C GLU A 110 0.27 19.65 -17.38
N GLY A 111 1.58 19.46 -17.48
CA GLY A 111 2.34 20.10 -18.52
C GLY A 111 3.78 19.70 -18.43
N ILE A 112 4.48 19.88 -19.54
CA ILE A 112 5.94 19.77 -19.60
C ILE A 112 6.49 21.16 -19.91
N GLU A 113 7.15 21.79 -18.95
CA GLU A 113 7.73 23.12 -19.16
C GLU A 113 9.19 22.98 -19.56
N ILE A 114 9.56 23.57 -20.69
CA ILE A 114 10.94 23.55 -21.14
C ILE A 114 11.72 24.60 -20.36
N LEU A 115 12.72 24.17 -19.60
CA LEU A 115 13.45 25.12 -18.77
C LEU A 115 14.67 25.70 -19.48
N ASN A 116 15.42 24.86 -20.18
CA ASN A 116 16.71 25.20 -20.78
C ASN A 116 16.87 24.23 -21.93
N SER A 117 18.03 24.31 -22.57
CA SER A 117 18.37 23.26 -23.53
C SER A 117 18.76 21.96 -22.86
N SER A 118 18.80 21.87 -21.52
CA SER A 118 19.19 20.63 -20.87
C SER A 118 18.25 20.19 -19.75
N ALA A 119 17.09 20.83 -19.59
CA ALA A 119 16.26 20.56 -18.43
C ALA A 119 14.81 20.91 -18.73
N VAL A 120 13.89 20.08 -18.23
CA VAL A 120 12.47 20.36 -18.33
C VAL A 120 11.84 20.03 -16.99
N LEU A 121 10.62 20.52 -16.81
CA LEU A 121 9.83 20.28 -15.62
C LEU A 121 8.59 19.53 -16.05
N VAL A 122 8.41 18.30 -15.56
CA VAL A 122 7.28 17.45 -15.88
C VAL A 122 6.26 17.52 -14.75
N LYS A 123 5.00 17.73 -15.09
CA LYS A 123 3.96 17.90 -14.10
C LYS A 123 2.80 17.01 -14.48
N TRP A 124 2.28 16.25 -13.52
CA TRP A 124 1.14 15.41 -13.79
C TRP A 124 0.12 15.63 -12.70
N ARG A 125 -1.06 15.13 -12.94
CA ARG A 125 -2.10 15.23 -11.92
C ARG A 125 -2.05 14.04 -10.97
N PRO A 126 -2.38 14.28 -9.70
CA PRO A 126 -2.47 13.18 -8.73
C PRO A 126 -3.48 12.16 -9.22
N VAL A 127 -3.09 10.88 -9.19
CA VAL A 127 -4.03 9.85 -9.62
C VAL A 127 -5.13 9.70 -8.57
N ASP A 128 -6.27 9.19 -9.01
CA ASP A 128 -7.37 8.87 -8.11
C ASP A 128 -6.98 7.63 -7.30
N LEU A 129 -7.04 7.74 -5.97
CA LEU A 129 -6.57 6.63 -5.12
C LEU A 129 -7.41 5.38 -5.32
N ALA A 130 -8.69 5.52 -5.66
CA ALA A 130 -9.51 4.33 -5.86
C ALA A 130 -9.03 3.48 -7.02
N GLN A 131 -8.28 4.05 -7.95
CA GLN A 131 -7.78 3.30 -9.09
C GLN A 131 -6.38 2.77 -8.83
N VAL A 132 -5.80 3.06 -7.66
CA VAL A 132 -4.45 2.59 -7.36
C VAL A 132 -4.43 1.11 -7.00
N LYS A 133 -5.56 0.59 -6.55
CA LYS A 133 -5.72 -0.82 -6.22
C LYS A 133 -4.71 -1.25 -5.17
N GLY A 134 -4.32 -0.31 -4.31
CA GLY A 134 -3.27 -0.51 -3.30
C GLY A 134 -2.94 0.80 -2.61
N HIS A 135 -1.83 0.81 -1.87
CA HIS A 135 -1.33 2.03 -1.24
C HIS A 135 -0.41 2.74 -2.22
N LEU A 136 -0.72 3.98 -2.58
CA LEU A 136 0.15 4.71 -3.52
C LEU A 136 1.52 4.92 -2.91
N ARG A 137 2.55 4.34 -3.53
CA ARG A 137 3.89 4.47 -3.00
C ARG A 137 4.74 5.50 -3.75
N GLY A 138 4.32 5.91 -4.93
CA GLY A 138 5.08 6.92 -5.66
C GLY A 138 4.78 6.88 -7.14
N TYR A 139 5.58 7.62 -7.88
CA TYR A 139 5.49 7.65 -9.31
C TYR A 139 6.85 7.34 -9.88
N ASN A 140 6.83 6.81 -11.09
CA ASN A 140 8.05 6.48 -11.78
C ASN A 140 8.01 7.23 -13.10
N VAL A 141 9.01 8.05 -13.35
CA VAL A 141 9.10 8.84 -14.57
C VAL A 141 10.23 8.25 -15.38
N THR A 142 9.88 7.62 -16.49
CA THR A 142 10.84 7.03 -17.41
C THR A 142 11.01 7.94 -18.63
N TYR A 143 12.24 8.15 -19.07
CA TYR A 143 12.47 8.97 -20.25
C TYR A 143 13.70 8.52 -21.01
N TRP A 144 13.70 8.77 -22.31
CA TRP A 144 14.86 8.43 -23.12
C TRP A 144 14.90 9.30 -24.36
N ARG A 145 16.11 9.44 -24.88
CA ARG A 145 16.34 10.17 -26.11
C ARG A 145 16.10 9.29 -27.33
N GLU A 146 15.26 9.77 -28.24
CA GLU A 146 15.13 9.13 -29.54
C GLU A 146 16.22 9.59 -30.49
N GLY A 147 16.64 10.85 -30.37
CA GLY A 147 17.48 11.53 -31.33
C GLY A 147 16.79 12.78 -31.85
N SER A 148 17.53 13.54 -32.66
CA SER A 148 17.03 14.70 -33.41
C SER A 148 18.17 15.40 -34.13
N ILE A 157 18.67 1.08 -26.75
CA ILE A 157 18.18 2.36 -26.26
C ILE A 157 18.34 2.49 -24.76
N HIS A 158 19.22 3.39 -24.34
CA HIS A 158 19.38 3.68 -22.93
C HIS A 158 18.18 4.45 -22.41
N LYS A 159 17.67 4.02 -21.26
CA LYS A 159 16.43 4.55 -20.70
C LYS A 159 16.72 5.01 -19.29
N ASP A 160 16.38 6.25 -18.97
CA ASP A 160 16.60 6.79 -17.64
C ASP A 160 15.30 6.79 -16.86
N HIS A 161 15.39 6.98 -15.55
CA HIS A 161 14.15 7.02 -14.79
C HIS A 161 14.36 7.65 -13.43
N VAL A 162 13.29 8.24 -12.92
CA VAL A 162 13.30 9.02 -11.69
C VAL A 162 12.11 8.57 -10.86
N VAL A 163 12.38 8.10 -9.65
CA VAL A 163 11.36 7.64 -8.74
C VAL A 163 11.06 8.75 -7.74
N VAL A 164 9.80 9.14 -7.62
CA VAL A 164 9.45 10.19 -6.66
C VAL A 164 8.44 9.61 -5.67
N PRO A 165 8.32 10.23 -4.50
CA PRO A 165 7.32 9.78 -3.51
C PRO A 165 5.91 10.05 -4.00
N ALA A 166 4.95 9.46 -3.27
CA ALA A 166 3.53 9.49 -3.63
C ALA A 166 2.94 10.89 -3.54
N ASN A 167 3.53 11.76 -2.70
CA ASN A 167 3.10 13.12 -2.42
C ASN A 167 3.49 14.10 -3.53
N THR A 168 4.27 13.65 -4.50
CA THR A 168 4.99 14.51 -5.43
C THR A 168 4.45 14.31 -6.83
N THR A 169 4.09 15.42 -7.50
CA THR A 169 3.47 15.32 -8.81
C THR A 169 4.18 16.18 -9.86
N SER A 170 5.43 16.56 -9.62
CA SER A 170 6.29 17.09 -10.66
C SER A 170 7.72 16.67 -10.39
N VAL A 171 8.58 16.84 -11.40
CA VAL A 171 10.00 16.49 -11.27
C VAL A 171 10.76 17.22 -12.37
N ILE A 172 11.96 17.69 -12.03
CA ILE A 172 12.84 18.27 -13.03
C ILE A 172 13.73 17.17 -13.60
N LEU A 173 13.78 17.07 -14.92
CA LEU A 173 14.74 16.21 -15.60
C LEU A 173 15.88 17.05 -16.14
N SER A 174 17.08 16.78 -15.66
CA SER A 174 18.31 17.51 -15.92
C SER A 174 19.28 16.68 -16.74
N GLY A 175 20.33 17.34 -17.23
CA GLY A 175 21.36 16.64 -17.98
C GLY A 175 20.89 16.07 -19.29
N LEU A 176 19.90 16.69 -19.91
CA LEU A 176 19.42 16.28 -21.21
C LEU A 176 20.31 16.83 -22.32
N ARG A 177 20.40 16.08 -23.42
CA ARG A 177 21.07 16.56 -24.63
C ARG A 177 20.25 17.66 -25.31
N PRO A 178 20.90 18.70 -25.83
CA PRO A 178 20.16 19.78 -26.48
C PRO A 178 19.65 19.38 -27.86
N TYR A 179 18.64 20.12 -28.31
CA TYR A 179 18.02 19.96 -29.62
C TYR A 179 17.69 18.49 -29.91
N SER A 180 17.11 17.81 -28.93
CA SER A 180 16.86 16.38 -29.03
C SER A 180 15.39 16.11 -28.74
N SER A 181 14.87 15.02 -29.31
CA SER A 181 13.51 14.59 -29.03
C SER A 181 13.55 13.48 -27.98
N TYR A 182 12.72 13.63 -26.95
CA TYR A 182 12.62 12.68 -25.86
C TYR A 182 11.24 12.07 -25.81
N HIS A 183 11.20 10.81 -25.39
CA HIS A 183 9.97 10.15 -24.99
C HIS A 183 9.93 10.06 -23.47
N LEU A 184 8.73 10.06 -22.95
CA LEU A 184 8.49 10.20 -21.53
C LEU A 184 7.31 9.33 -21.14
N GLU A 185 7.46 8.60 -20.04
CA GLU A 185 6.39 7.79 -19.48
C GLU A 185 6.28 8.10 -18.00
N VAL A 186 5.05 8.11 -17.50
CA VAL A 186 4.79 8.35 -16.10
C VAL A 186 3.85 7.26 -15.62
N GLN A 187 4.21 6.60 -14.54
CA GLN A 187 3.47 5.49 -13.97
C GLN A 187 3.29 5.73 -12.48
N ALA A 188 2.15 5.37 -11.93
CA ALA A 188 2.00 5.27 -10.49
C ALA A 188 2.40 3.85 -10.05
N PHE A 189 2.87 3.72 -8.81
CA PHE A 189 3.11 2.37 -8.31
C PHE A 189 2.66 2.24 -6.86
N ASN A 190 2.27 1.02 -6.50
CA ASN A 190 1.87 0.72 -5.13
C ASN A 190 2.81 -0.35 -4.61
N GLY A 191 2.43 -1.07 -3.56
CA GLY A 191 3.29 -2.15 -3.09
C GLY A 191 3.38 -3.30 -4.06
N ARG A 192 2.32 -3.55 -4.82
CA ARG A 192 2.32 -4.62 -5.82
C ARG A 192 3.18 -4.27 -7.03
N GLY A 193 2.99 -3.09 -7.61
CA GLY A 193 3.78 -2.75 -8.78
C GLY A 193 3.27 -1.48 -9.42
N SER A 194 3.67 -1.29 -10.69
CA SER A 194 3.35 -0.09 -11.43
C SER A 194 2.09 -0.29 -12.26
N GLY A 195 1.38 0.80 -12.52
CA GLY A 195 0.28 0.79 -13.45
C GLY A 195 0.73 1.09 -14.87
N PRO A 196 -0.21 1.18 -15.79
CA PRO A 196 0.14 1.49 -17.20
C PRO A 196 0.72 2.88 -17.32
N ALA A 197 1.50 3.06 -18.37
CA ALA A 197 2.26 4.29 -18.57
C ALA A 197 1.47 5.24 -19.44
N SER A 198 1.39 6.49 -19.02
CA SER A 198 1.02 7.56 -19.93
C SER A 198 2.26 7.99 -20.70
N GLU A 199 2.10 8.21 -22.00
CA GLU A 199 3.20 8.27 -22.96
C GLU A 199 3.23 9.66 -23.58
N PHE A 200 4.35 10.38 -23.41
CA PHE A 200 4.47 11.76 -23.89
C PHE A 200 5.80 11.95 -24.60
N THR A 201 5.89 13.09 -25.28
CA THR A 201 7.08 13.49 -26.03
C THR A 201 7.37 14.96 -25.78
N PHE A 202 8.64 15.33 -25.87
CA PHE A 202 9.08 16.71 -25.76
C PHE A 202 10.43 16.81 -26.44
N SER A 203 10.81 18.05 -26.80
CA SER A 203 12.08 18.34 -27.44
C SER A 203 12.82 19.40 -26.65
N THR A 204 14.07 19.23 -26.51
CA THR A 204 14.87 20.29 -25.89
C THR A 204 15.30 21.28 -26.96
N PRO A 205 15.43 22.56 -26.59
CA PRO A 205 15.84 23.56 -27.59
C PRO A 205 17.33 23.46 -27.90
N GLU A 206 17.80 24.40 -28.70
CA GLU A 206 19.18 24.42 -29.18
C GLU A 206 20.14 24.82 -28.06
N GLY A 207 21.38 24.32 -28.18
CA GLY A 207 22.46 24.63 -27.26
C GLY A 207 23.78 23.98 -27.66
C1 NAG B . 10.61 2.22 -12.51
C2 NAG B . 10.16 1.09 -11.58
C3 NAG B . 11.00 -0.17 -11.76
C4 NAG B . 11.33 -0.48 -13.22
C5 NAG B . 11.71 0.79 -13.96
C6 NAG B . 11.93 0.60 -15.44
C7 NAG B . 9.24 1.41 -9.32
C8 NAG B . 9.52 1.86 -7.93
N2 NAG B . 10.25 1.53 -10.20
O3 NAG B . 10.28 -1.25 -11.18
O4 NAG B . 12.47 -1.33 -13.27
O5 NAG B . 10.67 1.76 -13.81
O6 NAG B . 11.96 1.84 -16.13
O7 NAG B . 8.15 0.97 -9.67
C1 NAG B . 12.22 -2.75 -13.00
C2 NAG B . 13.28 -3.55 -13.76
C3 NAG B . 13.16 -5.05 -13.45
C4 NAG B . 13.14 -5.31 -11.95
C5 NAG B . 12.03 -4.47 -11.31
C6 NAG B . 11.96 -4.62 -9.80
C7 NAG B . 13.78 -2.38 -15.87
C8 NAG B . 13.49 -2.29 -17.34
N2 NAG B . 13.13 -3.33 -15.19
O3 NAG B . 14.28 -5.73 -14.04
O4 NAG B . 12.93 -6.68 -11.68
O5 NAG B . 12.27 -3.08 -11.58
O6 NAG B . 10.61 -4.69 -9.35
O7 NAG B . 14.56 -1.62 -15.31
C1 NAG C . 1.24 -15.22 2.20
C2 NAG C . 2.14 -16.33 1.66
C3 NAG C . 1.73 -17.69 2.23
C4 NAG C . 1.68 -17.62 3.75
C5 NAG C . 0.78 -16.48 4.20
C6 NAG C . 0.77 -16.29 5.71
C7 NAG C . 3.10 -15.94 -0.57
C8 NAG C . 2.90 -16.07 -2.04
N2 NAG C . 2.10 -16.38 0.21
O3 NAG C . 2.65 -18.67 1.79
O4 NAG C . 1.18 -18.85 4.27
O5 NAG C . 1.26 -15.25 3.64
O6 NAG C . 2.07 -16.04 6.20
O7 NAG C . 4.12 -15.47 -0.08
C1 NAG D . -15.87 -16.00 -1.88
C2 NAG D . -16.54 -17.38 -1.51
C3 NAG D . -18.01 -17.29 -0.98
C4 NAG D . -18.55 -15.89 -0.69
C5 NAG D . -17.89 -14.86 -1.55
C6 NAG D . -18.29 -13.44 -1.20
C7 NAG D . -15.55 -19.25 -2.79
C8 NAG D . -15.65 -20.08 -4.02
N2 NAG D . -16.47 -18.30 -2.65
O3 NAG D . -18.08 -18.08 0.20
O4 NAG D . -19.95 -15.86 -0.93
O5 NAG D . -16.50 -14.96 -1.25
O6 NAG D . -19.60 -13.14 -1.66
O7 NAG D . -14.65 -19.42 -1.96
C1 NAG E . 18.90 24.33 -16.49
C2 NAG E . 20.03 25.11 -15.85
C3 NAG E . 20.43 24.43 -14.54
C4 NAG E . 19.20 24.17 -13.68
C5 NAG E . 18.09 23.50 -14.49
C6 NAG E . 16.80 23.29 -13.75
C7 NAG E . 21.63 26.36 -17.24
C8 NAG E . 22.82 26.26 -18.16
N2 NAG E . 21.16 25.21 -16.75
O3 NAG E . 21.35 25.26 -13.85
O4 NAG E . 19.55 23.35 -12.57
O5 NAG E . 17.80 24.30 -15.64
O6 NAG E . 16.27 24.51 -13.25
O7 NAG E . 21.12 27.44 -16.96
C1 NAG F . 5.98 14.37 1.16
C2 NAG F . 7.07 13.51 1.76
C3 NAG F . 7.67 14.18 2.96
C4 NAG F . 8.50 15.35 2.47
C5 NAG F . 7.61 16.37 1.76
C6 NAG F . 8.39 17.12 0.70
C7 NAG F . 7.38 11.09 1.89
C8 NAG F . 6.76 9.77 2.26
N2 NAG F . 6.61 12.16 2.07
O3 NAG F . 8.51 13.25 3.65
O4 NAG F . 9.18 15.98 3.54
O5 NAG F . 6.45 15.82 1.08
O6 NAG F . 8.68 16.28 -0.41
O7 NAG F . 8.53 11.17 1.47
#